data_3MRF
#
_entry.id   3MRF
#
_cell.length_a   51.622
_cell.length_b   79.392
_cell.length_c   55.661
_cell.angle_alpha   90.000
_cell.angle_beta   112.020
_cell.angle_gamma   90.000
#
_symmetry.space_group_name_H-M   'P 1 21 1'
#
loop_
_entity.id
_entity.type
_entity.pdbx_description
1 polymer 'HLA class I histocompatibility antigen, A-2 alpha chain'
2 polymer Beta-2-microglobulin
3 polymer '9-meric peptide from mRNA export factor EB2'
4 water water
#
loop_
_entity_poly.entity_id
_entity_poly.type
_entity_poly.pdbx_seq_one_letter_code
_entity_poly.pdbx_strand_id
1 'polypeptide(L)'
;GSHSMRYFFTSVSRPGRGEPRFIAVGYVDDTQFVRFDSDAASQRMEPRAPWIEQEGPEYWDGETRKVKAHSQTHRVDLGT
LRGYYNQSEAGSHTVQRMYGCDVGSDWRFLRGYHQYAYDGKDYIALKEDLRSWTAADMAAQTTKHKWEAAHVAEQLRAYL
EGTCVEWLRRYLENGKETLQRTDAPKTHMTHHAVSDHEATLRCWALSFYPAEITLTWQRDGEDQTQDTELVETRPAGDGT
FQKWVAVVVPSGQEQRYTCHVQHEGLPKPLTLRWEPGSLHHILDAQKMVWNHR
;
A
2 'polypeptide(L)'
;MIQRTPKIQVYSRHPAENGKSNFLNCYVSGFHPSDIEVDLLKNGERIEKVEHSDLSFSKDWSFYLLYYTEFTPTEKDEYA
CRVNHVTLSQPKIVKWDRDM
;
B
3 'polypeptide(L)' GLCPLVAML P
#
# COMPACT_ATOMS: atom_id res chain seq x y z
N GLY A 1 -4.36 9.66 18.52
CA GLY A 1 -5.09 8.38 18.36
C GLY A 1 -4.15 7.18 18.40
N SER A 2 -4.55 6.13 17.70
CA SER A 2 -3.76 4.92 17.67
C SER A 2 -2.68 5.02 16.59
N HIS A 3 -1.72 4.12 16.67
CA HIS A 3 -0.63 4.05 15.71
C HIS A 3 -0.39 2.57 15.50
N SER A 4 0.09 2.23 14.32
CA SER A 4 0.37 0.85 13.98
C SER A 4 1.78 0.72 13.43
N MET A 5 2.44 -0.39 13.75
CA MET A 5 3.66 -0.79 13.02
C MET A 5 3.37 -2.08 12.25
N ARG A 6 3.63 -2.08 10.95
CA ARG A 6 3.28 -3.21 10.11
C ARG A 6 4.43 -3.67 9.25
N TYR A 7 4.56 -4.99 9.12
CA TYR A 7 5.56 -5.55 8.23
C TYR A 7 4.86 -6.37 7.18
N PHE A 8 5.24 -6.13 5.94
CA PHE A 8 4.66 -6.84 4.83
C PHE A 8 5.78 -7.63 4.13
N PHE A 9 5.56 -8.92 3.90
CA PHE A 9 6.56 -9.77 3.27
C PHE A 9 5.95 -10.46 2.08
N THR A 10 6.63 -10.38 0.95
CA THR A 10 6.22 -11.07 -0.25
C THR A 10 7.35 -11.92 -0.78
N SER A 11 7.05 -13.18 -1.01
CA SER A 11 7.99 -14.10 -1.57
C SER A 11 7.37 -14.78 -2.79
N VAL A 12 8.03 -14.67 -3.94
CA VAL A 12 7.52 -15.23 -5.19
C VAL A 12 8.51 -16.25 -5.74
N SER A 13 8.10 -17.49 -5.93
CA SER A 13 9.05 -18.46 -6.48
C SER A 13 9.33 -18.20 -7.97
N ARG A 14 10.57 -18.45 -8.35
N ARG A 14 10.55 -18.48 -8.39
CA ARG A 14 11.06 -18.29 -9.71
CA ARG A 14 10.96 -18.26 -9.77
C ARG A 14 11.60 -19.64 -10.19
C ARG A 14 11.56 -19.55 -10.32
N PRO A 15 10.70 -20.52 -10.66
CA PRO A 15 11.12 -21.89 -10.98
C PRO A 15 11.99 -22.00 -12.23
N GLY A 16 11.96 -20.97 -13.08
CA GLY A 16 12.87 -20.90 -14.20
C GLY A 16 14.32 -21.05 -13.79
N ARG A 17 14.72 -20.39 -12.71
CA ARG A 17 16.10 -20.41 -12.25
C ARG A 17 16.26 -19.57 -10.98
N GLY A 18 17.04 -20.08 -10.03
CA GLY A 18 17.34 -19.32 -8.82
C GLY A 18 16.31 -19.45 -7.71
N GLU A 19 16.50 -18.68 -6.66
CA GLU A 19 15.60 -18.76 -5.52
C GLU A 19 14.50 -17.70 -5.56
N PRO A 20 13.55 -17.76 -4.61
CA PRO A 20 12.40 -16.85 -4.68
C PRO A 20 12.81 -15.39 -4.57
N ARG A 21 12.08 -14.51 -5.25
CA ARG A 21 12.18 -13.06 -4.97
C ARG A 21 11.49 -12.74 -3.64
N PHE A 22 12.22 -12.09 -2.74
CA PHE A 22 11.69 -11.77 -1.42
C PHE A 22 11.75 -10.25 -1.20
N ILE A 23 10.61 -9.68 -0.85
CA ILE A 23 10.52 -8.24 -0.60
C ILE A 23 9.84 -8.02 0.74
N ALA A 24 10.51 -7.30 1.63
CA ALA A 24 9.94 -6.99 2.92
C ALA A 24 9.95 -5.49 3.13
N VAL A 25 8.84 -4.95 3.57
CA VAL A 25 8.74 -3.52 3.87
C VAL A 25 8.17 -3.32 5.26
N GLY A 26 8.68 -2.33 5.97
CA GLY A 26 8.18 -1.99 7.29
C GLY A 26 7.52 -0.65 7.25
N TYR A 27 6.38 -0.53 7.94
CA TYR A 27 5.59 0.67 8.02
C TYR A 27 5.32 1.07 9.46
N VAL A 28 5.29 2.38 9.70
CA VAL A 28 4.55 2.91 10.82
C VAL A 28 3.39 3.71 10.21
N ASP A 29 2.17 3.22 10.40
CA ASP A 29 0.99 3.80 9.78
C ASP A 29 1.18 3.79 8.27
N ASP A 30 1.12 4.97 7.64
CA ASP A 30 1.28 5.05 6.19
C ASP A 30 2.68 5.52 5.77
N THR A 31 3.63 5.41 6.68
CA THR A 31 5.01 5.77 6.38
C THR A 31 5.90 4.53 6.32
N GLN A 32 6.55 4.28 5.18
CA GLN A 32 7.53 3.21 5.07
C GLN A 32 8.82 3.64 5.74
N PHE A 33 9.47 2.74 6.46
CA PHE A 33 10.72 3.12 7.12
C PHE A 33 11.91 2.18 6.89
N VAL A 34 11.64 0.92 6.54
CA VAL A 34 12.70 -0.02 6.22
C VAL A 34 12.28 -0.82 5.00
N ARG A 35 13.24 -1.38 4.27
CA ARG A 35 12.93 -2.32 3.20
C ARG A 35 14.04 -3.33 3.05
N PHE A 36 13.72 -4.49 2.50
CA PHE A 36 14.72 -5.47 2.11
C PHE A 36 14.28 -6.03 0.79
N ASP A 37 15.19 -6.15 -0.16
CA ASP A 37 14.85 -6.74 -1.46
C ASP A 37 15.96 -7.72 -1.80
N SER A 38 15.60 -8.99 -1.98
CA SER A 38 16.59 -10.00 -2.36
C SER A 38 17.29 -9.69 -3.69
N ASP A 39 16.70 -8.85 -4.53
CA ASP A 39 17.38 -8.50 -5.78
C ASP A 39 18.12 -7.15 -5.76
N ALA A 40 18.23 -6.52 -4.59
CA ALA A 40 19.01 -5.31 -4.44
C ALA A 40 20.45 -5.67 -4.08
N ALA A 41 21.35 -4.70 -4.16
CA ALA A 41 22.78 -4.96 -4.05
C ALA A 41 23.28 -5.08 -2.63
N SER A 42 22.71 -4.29 -1.72
CA SER A 42 23.17 -4.28 -0.32
C SER A 42 23.03 -5.64 0.38
N GLN A 43 21.93 -6.36 0.16
CA GLN A 43 21.61 -7.56 0.95
C GLN A 43 21.50 -7.21 2.44
N ARG A 44 21.05 -5.98 2.70
CA ARG A 44 20.89 -5.47 4.04
C ARG A 44 19.47 -4.92 4.14
N MET A 45 18.94 -4.88 5.37
CA MET A 45 17.77 -4.05 5.62
C MET A 45 18.20 -2.61 5.38
N GLU A 46 17.40 -1.85 4.63
CA GLU A 46 17.81 -0.46 4.34
C GLU A 46 16.82 0.58 4.88
N PRO A 47 17.34 1.75 5.29
CA PRO A 47 16.51 2.86 5.78
C PRO A 47 15.66 3.48 4.69
N ARG A 48 14.42 3.81 5.03
CA ARG A 48 13.51 4.49 4.10
C ARG A 48 12.84 5.72 4.74
N ALA A 49 13.26 6.03 5.96
CA ALA A 49 12.79 7.21 6.66
C ALA A 49 13.94 7.81 7.46
N PRO A 50 14.12 9.13 7.37
CA PRO A 50 15.22 9.78 8.06
C PRO A 50 15.26 9.39 9.52
N TRP A 51 14.11 9.31 10.18
CA TRP A 51 14.10 9.03 11.60
C TRP A 51 14.59 7.61 11.98
N ILE A 52 14.63 6.69 11.01
CA ILE A 52 15.19 5.37 11.29
C ILE A 52 16.73 5.38 11.18
N GLU A 53 17.26 6.43 10.54
CA GLU A 53 18.71 6.56 10.36
C GLU A 53 19.45 6.86 11.66
N GLN A 54 18.69 7.14 12.72
CA GLN A 54 19.29 7.44 14.00
C GLN A 54 19.73 6.14 14.70
N GLU A 55 19.09 5.03 14.35
CA GLU A 55 19.53 3.72 14.79
C GLU A 55 20.96 3.43 14.31
N GLY A 56 21.79 2.89 15.20
CA GLY A 56 23.17 2.57 14.85
C GLY A 56 23.30 1.19 14.22
N PRO A 57 24.55 0.78 13.93
CA PRO A 57 24.84 -0.43 13.16
C PRO A 57 24.30 -1.71 13.77
N GLU A 58 24.16 -1.75 15.10
CA GLU A 58 23.66 -2.96 15.74
C GLU A 58 22.22 -3.22 15.32
N TYR A 59 21.43 -2.15 15.18
CA TYR A 59 20.06 -2.27 14.71
C TYR A 59 20.06 -2.86 13.29
N TRP A 60 20.93 -2.36 12.43
CA TRP A 60 20.89 -2.80 11.05
C TRP A 60 21.38 -4.23 10.90
N ASP A 61 22.33 -4.63 11.75
CA ASP A 61 22.83 -5.99 11.71
C ASP A 61 21.76 -6.93 12.22
N GLY A 62 21.10 -6.52 13.30
CA GLY A 62 19.98 -7.28 13.86
C GLY A 62 18.85 -7.43 12.86
N GLU A 63 18.37 -6.30 12.35
CA GLU A 63 17.31 -6.34 11.33
C GLU A 63 17.69 -7.19 10.11
N THR A 64 18.95 -7.14 9.68
CA THR A 64 19.41 -7.91 8.51
C THR A 64 19.42 -9.43 8.79
N ARG A 65 19.99 -9.80 9.93
N ARG A 65 20.00 -9.83 9.92
CA ARG A 65 19.95 -11.17 10.42
CA ARG A 65 19.94 -11.22 10.35
C ARG A 65 18.53 -11.74 10.41
C ARG A 65 18.49 -11.72 10.34
N LYS A 66 17.60 -11.03 11.03
CA LYS A 66 16.20 -11.46 11.09
C LYS A 66 15.55 -11.47 9.72
N VAL A 67 15.76 -10.42 8.93
CA VAL A 67 15.03 -10.35 7.66
C VAL A 67 15.45 -11.46 6.70
N LYS A 68 16.74 -11.78 6.68
CA LYS A 68 17.26 -12.93 5.94
C LYS A 68 16.73 -14.28 6.45
N ALA A 69 16.57 -14.42 7.76
CA ALA A 69 16.00 -15.61 8.34
C ALA A 69 14.55 -15.78 7.87
N HIS A 70 13.80 -14.66 7.85
CA HIS A 70 12.44 -14.63 7.28
C HIS A 70 12.41 -15.09 5.82
N SER A 71 13.39 -14.64 5.04
N SER A 71 13.40 -14.65 5.04
CA SER A 71 13.49 -14.99 3.64
CA SER A 71 13.43 -15.01 3.62
C SER A 71 13.60 -16.50 3.45
C SER A 71 13.63 -16.51 3.41
N GLN A 72 14.54 -17.10 4.18
CA GLN A 72 14.75 -18.55 4.11
C GLN A 72 13.45 -19.27 4.48
N THR A 73 12.78 -18.78 5.53
CA THR A 73 11.55 -19.39 6.00
C THR A 73 10.46 -19.41 4.92
N HIS A 74 10.20 -18.26 4.29
CA HIS A 74 9.28 -18.15 3.14
C HIS A 74 9.72 -19.05 2.00
N ARG A 75 11.03 -19.13 1.75
CA ARG A 75 11.56 -20.01 0.71
C ARG A 75 11.14 -21.44 1.00
N VAL A 76 11.35 -21.88 2.23
CA VAL A 76 10.97 -23.22 2.67
C VAL A 76 9.48 -23.45 2.62
N ASP A 77 8.73 -22.39 2.99
CA ASP A 77 7.28 -22.42 3.03
C ASP A 77 6.63 -22.61 1.68
N LEU A 78 7.15 -21.94 0.65
CA LEU A 78 6.69 -22.13 -0.74
C LEU A 78 6.86 -23.57 -1.17
N GLY A 79 8.02 -24.15 -0.84
CA GLY A 79 8.25 -25.55 -1.09
C GLY A 79 7.18 -26.34 -0.35
N THR A 80 7.03 -26.10 0.94
CA THR A 80 6.01 -26.80 1.73
C THR A 80 4.60 -26.69 1.09
N LEU A 81 4.22 -25.52 0.64
CA LEU A 81 2.84 -25.36 0.16
C LEU A 81 2.61 -26.03 -1.19
N ARG A 82 3.63 -26.04 -2.04
CA ARG A 82 3.52 -26.65 -3.33
C ARG A 82 3.21 -28.13 -3.12
N GLY A 83 3.89 -28.72 -2.13
CA GLY A 83 3.61 -30.08 -1.69
C GLY A 83 2.20 -30.27 -1.17
N TYR A 84 1.76 -29.42 -0.25
CA TYR A 84 0.39 -29.54 0.31
C TYR A 84 -0.66 -29.51 -0.80
N TYR A 85 -0.46 -28.64 -1.78
CA TYR A 85 -1.45 -28.42 -2.82
C TYR A 85 -1.18 -29.21 -4.09
N ASN A 86 -0.21 -30.12 -4.02
CA ASN A 86 0.09 -31.01 -5.15
C ASN A 86 0.33 -30.22 -6.45
N GLN A 87 1.13 -29.17 -6.34
CA GLN A 87 1.45 -28.39 -7.51
C GLN A 87 2.81 -28.80 -8.08
N SER A 88 2.98 -28.67 -9.39
CA SER A 88 4.25 -29.04 -9.99
C SER A 88 5.33 -28.01 -9.67
N GLU A 89 6.59 -28.39 -9.88
CA GLU A 89 7.69 -27.49 -9.59
C GLU A 89 7.81 -26.43 -10.69
N ALA A 90 6.92 -26.49 -11.67
CA ALA A 90 7.02 -25.66 -12.86
C ALA A 90 6.30 -24.32 -12.73
N GLY A 91 5.28 -24.23 -11.89
CA GLY A 91 4.56 -22.96 -11.74
C GLY A 91 5.23 -21.99 -10.79
N SER A 92 4.97 -20.71 -10.97
CA SER A 92 5.43 -19.71 -10.01
C SER A 92 4.33 -19.52 -8.98
N HIS A 93 4.70 -19.43 -7.71
CA HIS A 93 3.72 -19.30 -6.65
C HIS A 93 4.12 -18.22 -5.67
N THR A 94 3.14 -17.72 -4.90
CA THR A 94 3.40 -16.57 -4.04
C THR A 94 3.02 -16.82 -2.59
N VAL A 95 3.92 -16.47 -1.68
CA VAL A 95 3.54 -16.39 -0.27
C VAL A 95 3.61 -14.93 0.21
N GLN A 96 2.55 -14.51 0.90
CA GLN A 96 2.46 -13.17 1.47
C GLN A 96 2.26 -13.29 2.97
N ARG A 97 2.93 -12.41 3.71
N ARG A 97 2.90 -12.38 3.70
CA ARG A 97 2.79 -12.38 5.15
CA ARG A 97 2.83 -12.39 5.16
C ARG A 97 2.72 -10.95 5.66
C ARG A 97 2.78 -10.96 5.71
N MET A 98 1.91 -10.73 6.67
CA MET A 98 1.81 -9.45 7.32
C MET A 98 1.69 -9.69 8.82
N TYR A 99 2.49 -8.95 9.59
CA TYR A 99 2.27 -8.89 11.03
C TYR A 99 2.59 -7.51 11.59
N GLY A 100 2.25 -7.29 12.86
CA GLY A 100 2.52 -6.02 13.48
C GLY A 100 1.60 -5.76 14.64
N CYS A 101 1.63 -4.53 15.14
CA CYS A 101 0.88 -4.17 16.32
C CYS A 101 0.41 -2.70 16.31
N ASP A 102 -0.71 -2.44 17.01
CA ASP A 102 -1.17 -1.07 17.25
C ASP A 102 -1.02 -0.74 18.73
N VAL A 103 -0.76 0.54 19.01
CA VAL A 103 -0.87 1.09 20.35
C VAL A 103 -2.01 2.09 20.30
N GLY A 104 -2.72 2.23 21.41
CA GLY A 104 -3.78 3.24 21.52
C GLY A 104 -3.23 4.61 21.87
N SER A 105 -4.12 5.57 22.12
CA SER A 105 -3.74 6.92 22.50
C SER A 105 -3.02 6.94 23.85
N ASP A 106 -3.25 5.90 24.64
CA ASP A 106 -2.63 5.75 25.94
C ASP A 106 -1.23 5.19 25.79
N TRP A 107 -0.82 4.96 24.53
CA TRP A 107 0.51 4.44 24.19
C TRP A 107 0.73 2.96 24.54
N ARG A 108 -0.34 2.26 24.91
CA ARG A 108 -0.24 0.86 25.28
C ARG A 108 -0.73 -0.04 24.16
N PHE A 109 -0.28 -1.30 24.18
CA PHE A 109 -0.73 -2.31 23.23
C PHE A 109 -2.25 -2.30 23.07
N LEU A 110 -2.71 -2.31 21.83
CA LEU A 110 -4.13 -2.25 21.54
C LEU A 110 -4.60 -3.46 20.75
N ARG A 111 -3.78 -3.86 19.77
CA ARG A 111 -4.09 -4.96 18.87
C ARG A 111 -2.80 -5.53 18.30
N GLY A 112 -2.86 -6.79 17.87
CA GLY A 112 -1.73 -7.44 17.21
C GLY A 112 -2.25 -8.22 16.02
N TYR A 113 -1.38 -8.49 15.05
CA TYR A 113 -1.77 -9.23 13.87
C TYR A 113 -0.65 -10.14 13.46
N HIS A 114 -1.03 -11.24 12.81
CA HIS A 114 -0.11 -12.11 12.10
C HIS A 114 -0.91 -12.97 11.12
N GLN A 115 -0.79 -12.68 9.82
CA GLN A 115 -1.57 -13.42 8.84
C GLN A 115 -0.81 -13.81 7.57
N TYR A 116 -1.31 -14.86 6.92
N TYR A 116 -1.22 -14.94 7.01
CA TYR A 116 -0.56 -15.55 5.87
CA TYR A 116 -0.56 -15.53 5.83
C TYR A 116 -1.48 -15.91 4.69
C TYR A 116 -1.55 -15.73 4.69
N ALA A 117 -1.03 -15.59 3.48
CA ALA A 117 -1.79 -15.90 2.28
C ALA A 117 -0.89 -16.76 1.36
N TYR A 118 -1.50 -17.73 0.67
CA TYR A 118 -0.86 -18.45 -0.46
C TYR A 118 -1.55 -18.09 -1.77
N ASP A 119 -0.75 -17.81 -2.80
CA ASP A 119 -1.26 -17.41 -4.11
C ASP A 119 -2.44 -16.47 -4.04
N GLY A 120 -2.33 -15.43 -3.22
CA GLY A 120 -3.40 -14.45 -3.07
C GLY A 120 -4.67 -14.87 -2.33
N LYS A 121 -4.63 -15.92 -1.54
CA LYS A 121 -5.78 -16.33 -0.73
C LYS A 121 -5.41 -16.55 0.72
N ASP A 122 -6.32 -16.19 1.62
CA ASP A 122 -6.15 -16.55 3.02
C ASP A 122 -5.61 -17.96 3.19
N TYR A 123 -4.57 -18.10 3.99
CA TYR A 123 -4.07 -19.41 4.38
C TYR A 123 -4.30 -19.62 5.88
N ILE A 124 -3.49 -18.98 6.71
CA ILE A 124 -3.66 -19.07 8.15
C ILE A 124 -3.49 -17.68 8.75
N ALA A 125 -4.24 -17.39 9.83
CA ALA A 125 -4.12 -16.10 10.51
C ALA A 125 -4.35 -16.20 12.02
N LEU A 126 -3.58 -15.43 12.77
CA LEU A 126 -3.73 -15.35 14.19
C LEU A 126 -4.99 -14.54 14.49
N LYS A 127 -5.87 -15.10 15.33
CA LYS A 127 -7.09 -14.40 15.72
C LYS A 127 -6.82 -13.18 16.62
N GLU A 128 -7.84 -12.34 16.75
CA GLU A 128 -7.73 -11.08 17.50
C GLU A 128 -7.19 -11.25 18.94
N ASP A 129 -7.52 -12.37 19.58
CA ASP A 129 -7.09 -12.64 20.97
C ASP A 129 -5.67 -13.18 21.07
N LEU A 130 -5.05 -13.40 19.91
CA LEU A 130 -3.65 -13.80 19.81
C LEU A 130 -3.35 -15.12 20.51
N ARG A 131 -4.35 -15.99 20.60
CA ARG A 131 -4.19 -17.27 21.26
C ARG A 131 -4.54 -18.47 20.37
N SER A 132 -5.15 -18.19 19.23
CA SER A 132 -5.64 -19.25 18.35
C SER A 132 -5.61 -18.87 16.87
N TRP A 133 -5.81 -19.86 16.03
CA TRP A 133 -5.59 -19.69 14.61
C TRP A 133 -6.84 -19.84 13.78
N THR A 134 -6.96 -19.03 12.74
CA THR A 134 -7.99 -19.20 11.74
C THR A 134 -7.35 -19.85 10.52
N ALA A 135 -7.68 -21.11 10.29
CA ALA A 135 -7.20 -21.89 9.15
C ALA A 135 -8.26 -21.86 8.06
N ALA A 136 -7.90 -21.41 6.85
CA ALA A 136 -8.88 -21.25 5.79
C ALA A 136 -9.35 -22.59 5.24
N ASP A 137 -8.44 -23.56 5.16
CA ASP A 137 -8.75 -24.87 4.58
C ASP A 137 -8.06 -26.03 5.31
N MET A 138 -8.18 -27.23 4.74
CA MET A 138 -7.62 -28.43 5.35
C MET A 138 -6.09 -28.44 5.31
N ALA A 139 -5.49 -27.86 4.28
CA ALA A 139 -4.03 -27.74 4.31
C ALA A 139 -3.61 -26.91 5.53
N ALA A 140 -4.30 -25.80 5.76
CA ALA A 140 -3.99 -24.90 6.86
C ALA A 140 -4.22 -25.54 8.22
N GLN A 141 -5.07 -26.58 8.28
CA GLN A 141 -5.31 -27.29 9.53
C GLN A 141 -4.03 -27.99 10.00
N THR A 142 -3.17 -28.36 9.06
CA THR A 142 -1.87 -28.95 9.40
C THR A 142 -1.01 -27.91 10.12
N THR A 143 -0.84 -26.74 9.51
CA THR A 143 -0.16 -25.63 10.14
C THR A 143 -0.77 -25.33 11.51
N LYS A 144 -2.10 -25.26 11.57
CA LYS A 144 -2.75 -24.94 12.84
C LYS A 144 -2.32 -25.90 13.94
N HIS A 145 -2.41 -27.21 13.67
CA HIS A 145 -2.07 -28.19 14.69
C HIS A 145 -0.59 -28.19 15.07
N LYS A 146 0.29 -28.10 14.08
CA LYS A 146 1.73 -27.99 14.34
C LYS A 146 2.05 -26.75 15.20
N TRP A 147 1.48 -25.61 14.84
CA TRP A 147 1.73 -24.38 15.57
C TRP A 147 1.13 -24.38 17.00
N GLU A 148 -0.07 -24.94 17.14
CA GLU A 148 -0.66 -25.13 18.48
C GLU A 148 0.19 -26.05 19.37
N ALA A 149 0.65 -27.16 18.78
CA ALA A 149 1.55 -28.08 19.47
C ALA A 149 2.88 -27.46 19.83
N ALA A 150 3.36 -26.50 19.05
CA ALA A 150 4.64 -25.88 19.38
C ALA A 150 4.49 -24.51 20.05
N HIS A 151 3.27 -24.20 20.48
CA HIS A 151 2.98 -22.96 21.19
C HIS A 151 3.56 -21.73 20.49
N VAL A 152 3.23 -21.57 19.21
CA VAL A 152 3.71 -20.46 18.41
C VAL A 152 2.93 -19.19 18.75
N ALA A 153 1.61 -19.32 18.89
CA ALA A 153 0.79 -18.20 19.32
C ALA A 153 1.40 -17.49 20.55
N GLU A 154 1.87 -18.26 21.54
CA GLU A 154 2.34 -17.66 22.78
C GLU A 154 3.56 -16.82 22.51
N GLN A 155 4.51 -17.41 21.81
CA GLN A 155 5.71 -16.71 21.37
C GLN A 155 5.37 -15.45 20.55
N LEU A 156 4.43 -15.58 19.62
CA LEU A 156 4.02 -14.44 18.78
C LEU A 156 3.39 -13.34 19.60
N ARG A 157 2.49 -13.73 20.49
CA ARG A 157 1.86 -12.81 21.43
C ARG A 157 2.91 -12.02 22.24
N ALA A 158 3.89 -12.73 22.81
CA ALA A 158 4.92 -12.08 23.63
C ALA A 158 5.62 -10.97 22.85
N TYR A 159 5.85 -11.22 21.55
CA TYR A 159 6.37 -10.19 20.67
C TYR A 159 5.36 -9.07 20.45
N LEU A 160 4.15 -9.40 20.01
CA LEU A 160 3.17 -8.38 19.60
C LEU A 160 2.72 -7.46 20.74
N GLU A 161 2.69 -8.03 21.96
CA GLU A 161 2.27 -7.33 23.17
C GLU A 161 3.47 -6.73 23.86
N GLY A 162 4.66 -7.09 23.40
CA GLY A 162 5.86 -6.67 24.09
C GLY A 162 6.78 -5.82 23.25
N THR A 163 7.76 -6.48 22.68
CA THR A 163 8.84 -5.90 21.90
C THR A 163 8.32 -5.17 20.66
N CYS A 164 7.18 -5.63 20.13
CA CYS A 164 6.56 -4.99 18.99
C CYS A 164 6.11 -3.58 19.33
N VAL A 165 5.47 -3.44 20.50
CA VAL A 165 5.00 -2.13 20.90
C VAL A 165 6.13 -1.24 21.41
N GLU A 166 7.12 -1.81 22.09
CA GLU A 166 8.32 -1.06 22.47
C GLU A 166 9.01 -0.38 21.29
N TRP A 167 9.18 -1.11 20.19
CA TRP A 167 9.74 -0.53 18.97
C TRP A 167 8.83 0.57 18.46
N LEU A 168 7.54 0.29 18.39
CA LEU A 168 6.58 1.28 17.88
C LEU A 168 6.67 2.57 18.70
N ARG A 169 6.68 2.43 20.02
CA ARG A 169 6.85 3.55 20.94
C ARG A 169 8.12 4.34 20.64
N ARG A 170 9.23 3.62 20.51
CA ARG A 170 10.48 4.26 20.21
C ARG A 170 10.38 5.02 18.88
N TYR A 171 9.90 4.37 17.82
CA TYR A 171 9.85 4.99 16.50
C TYR A 171 8.99 6.26 16.52
N LEU A 172 7.84 6.19 17.20
CA LEU A 172 6.95 7.35 17.34
C LEU A 172 7.62 8.56 18.00
N GLU A 173 8.48 8.31 18.99
CA GLU A 173 9.25 9.36 19.64
C GLU A 173 10.32 9.94 18.72
N ASN A 174 11.21 9.07 18.22
CA ASN A 174 12.29 9.50 17.36
C ASN A 174 11.83 10.19 16.07
N GLY A 175 10.67 9.78 15.55
CA GLY A 175 10.13 10.40 14.35
C GLY A 175 8.95 11.32 14.61
N LYS A 176 8.86 11.89 15.81
CA LYS A 176 7.64 12.61 16.20
C LYS A 176 7.28 13.77 15.28
N GLU A 177 8.27 14.45 14.72
CA GLU A 177 8.04 15.54 13.75
C GLU A 177 7.03 15.13 12.69
N THR A 178 7.14 13.90 12.20
CA THR A 178 6.33 13.47 11.07
C THR A 178 5.31 12.41 11.45
N LEU A 179 5.74 11.42 12.24
CA LEU A 179 4.87 10.29 12.55
C LEU A 179 3.66 10.67 13.38
N GLN A 180 3.80 11.70 14.21
CA GLN A 180 2.70 12.08 15.08
C GLN A 180 2.05 13.37 14.61
N ARG A 181 2.50 13.85 13.46
CA ARG A 181 1.89 14.98 12.81
C ARG A 181 0.79 14.48 11.88
N THR A 182 -0.32 15.20 11.86
CA THR A 182 -1.38 14.92 10.92
C THR A 182 -1.42 16.06 9.93
N ASP A 183 -1.40 15.74 8.65
CA ASP A 183 -1.55 16.76 7.63
C ASP A 183 -3.01 16.74 7.17
N ALA A 184 -3.74 17.75 7.65
CA ALA A 184 -5.08 18.03 7.18
C ALA A 184 -5.10 18.22 5.65
N PRO A 185 -6.13 17.68 4.97
CA PRO A 185 -6.28 17.83 3.51
C PRO A 185 -6.41 19.27 3.10
N LYS A 186 -5.67 19.68 2.09
CA LYS A 186 -5.91 20.98 1.48
C LYS A 186 -7.01 20.79 0.44
N THR A 187 -8.13 21.45 0.67
CA THR A 187 -9.30 21.23 -0.16
C THR A 187 -9.64 22.43 -1.03
N HIS A 188 -10.07 22.17 -2.24
CA HIS A 188 -10.71 23.18 -3.05
C HIS A 188 -11.73 22.53 -3.97
N MET A 189 -12.55 23.35 -4.60
CA MET A 189 -13.57 22.83 -5.50
C MET A 189 -13.40 23.50 -6.87
N THR A 190 -13.45 22.71 -7.93
CA THR A 190 -13.38 23.28 -9.25
C THR A 190 -14.76 23.18 -9.88
N HIS A 191 -14.99 24.00 -10.89
CA HIS A 191 -16.25 24.07 -11.62
C HIS A 191 -15.93 24.09 -13.11
N HIS A 192 -16.52 23.19 -13.87
CA HIS A 192 -16.40 23.22 -15.33
C HIS A 192 -17.74 22.89 -16.01
N ALA A 193 -18.07 23.65 -17.04
CA ALA A 193 -19.29 23.37 -17.81
C ALA A 193 -19.02 22.19 -18.71
N VAL A 194 -20.00 21.30 -18.82
CA VAL A 194 -19.90 20.12 -19.68
C VAL A 194 -20.91 20.30 -20.80
N SER A 195 -21.79 21.28 -20.61
CA SER A 195 -22.79 21.67 -21.60
C SER A 195 -23.20 23.11 -21.33
N ASP A 196 -24.21 23.57 -22.06
CA ASP A 196 -24.84 24.84 -21.82
C ASP A 196 -25.74 24.78 -20.60
N HIS A 197 -26.06 23.57 -20.13
CA HIS A 197 -27.09 23.42 -19.08
C HIS A 197 -26.67 22.65 -17.83
N GLU A 198 -25.46 22.12 -17.82
CA GLU A 198 -24.92 21.50 -16.61
C GLU A 198 -23.42 21.64 -16.47
N ALA A 199 -22.96 21.44 -15.25
CA ALA A 199 -21.57 21.67 -14.89
C ALA A 199 -21.09 20.55 -13.99
N THR A 200 -19.77 20.36 -13.98
CA THR A 200 -19.12 19.40 -13.10
C THR A 200 -18.45 20.13 -11.94
N LEU A 201 -18.84 19.76 -10.73
CA LEU A 201 -18.15 20.23 -9.53
C LEU A 201 -17.20 19.12 -9.08
N ARG A 202 -15.91 19.45 -8.95
CA ARG A 202 -14.96 18.48 -8.40
C ARG A 202 -14.37 19.01 -7.09
N CYS A 203 -14.50 18.21 -6.04
CA CYS A 203 -14.00 18.59 -4.73
C CYS A 203 -12.71 17.81 -4.43
N TRP A 204 -11.60 18.54 -4.27
CA TRP A 204 -10.28 17.93 -4.11
C TRP A 204 -9.80 17.93 -2.67
N ALA A 205 -9.23 16.81 -2.24
CA ALA A 205 -8.45 16.71 -1.01
C ALA A 205 -6.99 16.41 -1.39
N LEU A 206 -6.09 17.32 -1.10
CA LEU A 206 -4.68 17.11 -1.49
C LEU A 206 -3.75 17.12 -0.30
N SER A 207 -2.70 16.32 -0.39
CA SER A 207 -1.55 16.49 0.46
C SER A 207 -1.86 16.15 1.93
N PHE A 208 -2.74 15.18 2.15
CA PHE A 208 -3.12 14.84 3.51
C PHE A 208 -2.38 13.61 3.99
N TYR A 209 -2.30 13.48 5.31
CA TYR A 209 -1.71 12.33 5.99
C TYR A 209 -2.33 12.19 7.39
N PRO A 210 -2.75 10.97 7.76
CA PRO A 210 -2.66 9.72 7.01
C PRO A 210 -3.63 9.62 5.85
N ALA A 211 -3.63 8.43 5.23
CA ALA A 211 -4.36 8.17 4.01
C ALA A 211 -5.86 8.14 4.19
N GLU A 212 -6.30 7.74 5.38
CA GLU A 212 -7.73 7.57 5.66
C GLU A 212 -8.49 8.90 5.53
N ILE A 213 -9.56 8.90 4.76
CA ILE A 213 -10.36 10.10 4.51
C ILE A 213 -11.76 9.75 3.96
N THR A 214 -12.72 10.61 4.24
N THR A 214 -12.76 10.55 4.29
CA THR A 214 -14.05 10.47 3.67
CA THR A 214 -14.03 10.41 3.59
C THR A 214 -14.41 11.74 2.89
C THR A 214 -14.41 11.70 2.90
N LEU A 215 -14.72 11.59 1.61
CA LEU A 215 -15.23 12.69 0.80
C LEU A 215 -16.63 12.32 0.34
N THR A 216 -17.59 13.21 0.58
CA THR A 216 -18.98 12.94 0.20
C THR A 216 -19.68 14.20 -0.32
N TRP A 217 -20.59 14.02 -1.27
CA TRP A 217 -21.40 15.13 -1.72
C TRP A 217 -22.72 15.16 -0.98
N GLN A 218 -23.24 16.36 -0.74
CA GLN A 218 -24.61 16.52 -0.27
C GLN A 218 -25.39 17.39 -1.20
N ARG A 219 -26.66 17.06 -1.38
CA ARG A 219 -27.60 17.97 -2.03
C ARG A 219 -28.71 18.40 -1.08
N ASP A 220 -28.86 19.71 -0.92
CA ASP A 220 -29.81 20.28 0.02
C ASP A 220 -29.79 19.47 1.32
N GLY A 221 -28.60 19.28 1.86
CA GLY A 221 -28.41 18.67 3.17
C GLY A 221 -28.57 17.17 3.19
N GLU A 222 -28.56 16.52 2.02
CA GLU A 222 -28.65 15.07 2.01
C GLU A 222 -27.62 14.43 1.10
N ASP A 223 -27.03 13.32 1.57
CA ASP A 223 -26.02 12.58 0.81
C ASP A 223 -26.50 12.30 -0.61
N GLN A 224 -25.65 12.56 -1.60
CA GLN A 224 -25.93 12.18 -2.99
C GLN A 224 -24.81 11.32 -3.60
N THR A 225 -25.19 10.22 -4.24
CA THR A 225 -24.23 9.32 -4.89
C THR A 225 -24.50 9.23 -6.41
N GLN A 226 -25.76 9.29 -6.80
CA GLN A 226 -26.10 9.36 -8.21
C GLN A 226 -25.40 10.51 -8.93
N ASP A 227 -24.93 10.26 -10.15
CA ASP A 227 -24.25 11.31 -10.93
C ASP A 227 -22.95 11.81 -10.30
N THR A 228 -22.34 10.99 -9.46
CA THR A 228 -21.05 11.33 -8.90
C THR A 228 -19.98 10.41 -9.47
N GLU A 229 -18.74 10.89 -9.44
CA GLU A 229 -17.58 10.14 -9.89
C GLU A 229 -16.49 10.38 -8.86
N LEU A 230 -15.60 9.41 -8.69
CA LEU A 230 -14.55 9.57 -7.69
C LEU A 230 -13.25 8.86 -8.13
N VAL A 231 -12.17 9.08 -7.40
CA VAL A 231 -11.00 8.23 -7.52
C VAL A 231 -10.69 7.66 -6.14
N GLU A 232 -10.08 6.47 -6.12
CA GLU A 232 -9.57 5.88 -4.90
C GLU A 232 -8.40 6.71 -4.41
N THR A 233 -8.19 6.69 -3.08
CA THR A 233 -7.13 7.46 -2.47
C THR A 233 -5.78 6.99 -3.02
N ARG A 234 -4.90 7.94 -3.35
CA ARG A 234 -3.68 7.65 -4.06
C ARG A 234 -2.50 8.37 -3.40
N PRO A 235 -1.31 7.75 -3.42
CA PRO A 235 -0.11 8.42 -2.92
C PRO A 235 0.31 9.57 -3.85
N ALA A 236 0.69 10.69 -3.25
CA ALA A 236 1.20 11.84 -3.98
C ALA A 236 2.69 11.66 -4.31
N GLY A 237 3.37 10.78 -3.58
CA GLY A 237 4.81 10.49 -3.82
C GLY A 237 5.75 11.16 -2.82
N ASP A 238 5.26 12.18 -2.13
CA ASP A 238 6.08 12.90 -1.19
C ASP A 238 5.69 12.48 0.22
N GLY A 239 5.03 11.33 0.31
CA GLY A 239 4.57 10.78 1.60
C GLY A 239 3.14 11.17 2.00
N THR A 240 2.47 11.98 1.15
CA THR A 240 1.09 12.37 1.40
C THR A 240 0.17 11.75 0.38
N PHE A 241 -1.14 11.97 0.56
CA PHE A 241 -2.13 11.29 -0.27
C PHE A 241 -3.10 12.27 -0.90
N GLN A 242 -3.85 11.78 -1.89
CA GLN A 242 -4.76 12.61 -2.67
C GLN A 242 -6.08 11.89 -2.93
N LYS A 243 -7.13 12.66 -3.18
CA LYS A 243 -8.44 12.13 -3.51
C LYS A 243 -9.33 13.22 -4.09
N TRP A 244 -10.23 12.86 -4.98
CA TRP A 244 -11.30 13.79 -5.32
C TRP A 244 -12.58 13.03 -5.58
N VAL A 245 -13.68 13.76 -5.45
CA VAL A 245 -15.01 13.26 -5.76
C VAL A 245 -15.71 14.38 -6.54
N ALA A 246 -16.44 13.99 -7.61
CA ALA A 246 -17.09 14.92 -8.52
C ALA A 246 -18.58 14.63 -8.69
N VAL A 247 -19.34 15.67 -9.00
CA VAL A 247 -20.77 15.54 -9.20
C VAL A 247 -21.20 16.43 -10.40
N VAL A 248 -22.19 15.99 -11.16
CA VAL A 248 -22.67 16.73 -12.32
C VAL A 248 -24.01 17.36 -11.96
N VAL A 249 -24.13 18.68 -12.13
CA VAL A 249 -25.29 19.39 -11.62
C VAL A 249 -25.83 20.38 -12.64
N PRO A 250 -27.14 20.62 -12.64
CA PRO A 250 -27.70 21.62 -13.55
C PRO A 250 -27.04 22.97 -13.32
N SER A 251 -26.60 23.61 -14.40
CA SER A 251 -26.05 24.96 -14.32
C SER A 251 -27.02 25.89 -13.62
N GLY A 252 -26.53 26.68 -12.68
CA GLY A 252 -27.39 27.56 -11.91
C GLY A 252 -27.76 27.01 -10.55
N GLN A 253 -27.57 25.70 -10.35
CA GLN A 253 -28.01 25.07 -9.09
C GLN A 253 -26.87 24.69 -8.12
N GLU A 254 -25.69 25.25 -8.34
CA GLU A 254 -24.51 24.89 -7.57
C GLU A 254 -24.70 25.08 -6.06
N GLN A 255 -25.46 26.10 -5.67
CA GLN A 255 -25.63 26.42 -4.25
C GLN A 255 -26.19 25.26 -3.43
N ARG A 256 -26.82 24.29 -4.11
CA ARG A 256 -27.46 23.14 -3.47
C ARG A 256 -26.47 22.12 -2.95
N TYR A 257 -25.28 22.12 -3.54
CA TYR A 257 -24.35 21.03 -3.36
C TYR A 257 -23.19 21.35 -2.44
N THR A 258 -22.96 20.48 -1.47
CA THR A 258 -21.83 20.69 -0.59
C THR A 258 -20.93 19.47 -0.54
N CYS A 259 -19.63 19.72 -0.44
CA CYS A 259 -18.65 18.65 -0.33
C CYS A 259 -18.25 18.51 1.13
N HIS A 260 -18.18 17.29 1.62
CA HIS A 260 -17.89 17.07 3.04
C HIS A 260 -16.63 16.25 3.22
N VAL A 261 -15.71 16.77 4.03
CA VAL A 261 -14.42 16.14 4.20
C VAL A 261 -14.16 15.74 5.64
N GLN A 262 -13.88 14.47 5.88
CA GLN A 262 -13.55 14.01 7.21
C GLN A 262 -12.15 13.43 7.19
N HIS A 263 -11.37 13.86 8.16
CA HIS A 263 -9.98 13.46 8.26
C HIS A 263 -9.50 13.71 9.68
N GLU A 264 -8.58 12.86 10.14
CA GLU A 264 -8.08 12.89 11.49
C GLU A 264 -7.42 14.22 11.83
N GLY A 265 -6.84 14.86 10.82
CA GLY A 265 -6.17 16.14 11.02
C GLY A 265 -7.10 17.34 11.03
N LEU A 266 -8.40 17.07 11.04
CA LEU A 266 -9.40 18.13 11.10
C LEU A 266 -10.19 18.00 12.38
N PRO A 267 -10.17 19.04 13.23
CA PRO A 267 -10.98 18.96 14.46
C PRO A 267 -12.46 18.73 14.14
N LYS A 268 -12.98 19.43 13.14
CA LYS A 268 -14.34 19.20 12.68
C LYS A 268 -14.31 18.93 11.18
N PRO A 269 -15.29 18.19 10.67
CA PRO A 269 -15.35 18.01 9.21
C PRO A 269 -15.42 19.36 8.51
N LEU A 270 -14.98 19.40 7.25
CA LEU A 270 -15.07 20.62 6.49
C LEU A 270 -16.30 20.53 5.60
N THR A 271 -16.93 21.68 5.37
CA THR A 271 -17.93 21.77 4.32
C THR A 271 -17.49 22.76 3.26
N LEU A 272 -17.46 22.33 2.00
CA LEU A 272 -17.14 23.25 0.91
C LEU A 272 -18.37 23.57 0.07
N ARG A 273 -18.56 24.85 -0.20
CA ARG A 273 -19.63 25.33 -1.09
C ARG A 273 -18.99 25.98 -2.31
N TRP A 274 -19.64 25.87 -3.47
CA TRP A 274 -19.05 26.37 -4.72
C TRP A 274 -18.61 27.85 -4.68
N MET B 1 -5.10 -20.74 -9.47
CA MET B 1 -4.39 -19.44 -9.38
C MET B 1 -5.37 -18.28 -9.49
N ILE B 2 -5.59 -17.54 -8.39
CA ILE B 2 -6.41 -16.33 -8.48
C ILE B 2 -5.65 -15.25 -9.23
N GLN B 3 -6.30 -14.63 -10.20
CA GLN B 3 -5.68 -13.54 -10.95
C GLN B 3 -6.55 -12.29 -10.92
N ARG B 4 -5.94 -11.16 -10.59
CA ARG B 4 -6.65 -9.90 -10.60
C ARG B 4 -5.94 -8.83 -11.41
N THR B 5 -6.71 -8.15 -12.24
CA THR B 5 -6.16 -7.14 -13.13
C THR B 5 -5.86 -5.83 -12.36
N PRO B 6 -4.76 -5.15 -12.70
CA PRO B 6 -4.41 -3.90 -12.04
C PRO B 6 -5.37 -2.74 -12.32
N LYS B 7 -5.79 -2.04 -11.27
CA LYS B 7 -6.38 -0.71 -11.43
C LYS B 7 -5.26 0.31 -11.69
N ILE B 8 -5.49 1.27 -12.57
CA ILE B 8 -4.44 2.18 -12.99
C ILE B 8 -4.85 3.62 -12.83
N GLN B 9 -3.98 4.44 -12.28
CA GLN B 9 -4.24 5.85 -12.07
C GLN B 9 -3.02 6.66 -12.47
N VAL B 10 -3.16 7.52 -13.46
CA VAL B 10 -2.04 8.34 -13.91
C VAL B 10 -2.36 9.82 -13.64
N TYR B 11 -1.43 10.52 -13.02
CA TYR B 11 -1.70 11.84 -12.43
C TYR B 11 -0.40 12.48 -11.98
N SER B 12 -0.49 13.77 -11.69
CA SER B 12 0.67 14.52 -11.27
C SER B 12 0.63 14.72 -9.77
N ARG B 13 1.80 14.93 -9.19
CA ARG B 13 1.88 15.15 -7.76
C ARG B 13 1.27 16.51 -7.43
N HIS B 14 1.64 17.53 -8.20
CA HIS B 14 1.15 18.89 -7.94
C HIS B 14 0.26 19.36 -9.09
N PRO B 15 -0.59 20.36 -8.83
CA PRO B 15 -1.46 20.89 -9.88
C PRO B 15 -0.61 21.24 -11.08
N ALA B 16 -1.07 20.89 -12.26
CA ALA B 16 -0.19 21.00 -13.43
C ALA B 16 -0.24 22.38 -14.08
N GLU B 17 0.93 22.99 -14.23
CA GLU B 17 1.07 24.28 -14.89
C GLU B 17 2.22 24.21 -15.90
N ASN B 18 1.96 24.60 -17.14
CA ASN B 18 3.00 24.47 -18.16
C ASN B 18 4.30 25.14 -17.75
N GLY B 19 5.40 24.44 -17.99
CA GLY B 19 6.73 24.99 -17.75
C GLY B 19 7.22 24.88 -16.31
N LYS B 20 6.39 24.29 -15.45
CA LYS B 20 6.74 24.14 -14.04
C LYS B 20 7.01 22.70 -13.64
N SER B 21 8.20 22.46 -13.10
CA SER B 21 8.57 21.15 -12.56
C SER B 21 7.51 20.51 -11.70
N ASN B 22 7.43 19.18 -11.83
CA ASN B 22 6.36 18.41 -11.27
C ASN B 22 6.83 16.95 -11.28
N PHE B 23 5.96 16.06 -10.81
CA PHE B 23 6.22 14.63 -10.79
C PHE B 23 5.07 13.88 -11.46
N LEU B 24 5.41 12.97 -12.36
CA LEU B 24 4.38 12.17 -13.01
C LEU B 24 4.26 10.81 -12.34
N ASN B 25 3.05 10.47 -11.89
CA ASN B 25 2.80 9.20 -11.18
C ASN B 25 2.01 8.22 -12.02
N CYS B 26 2.32 6.94 -11.88
CA CYS B 26 1.41 5.89 -12.29
C CYS B 26 1.23 4.94 -11.10
N TYR B 27 0.01 4.94 -10.55
CA TYR B 27 -0.28 4.14 -9.36
C TYR B 27 -1.05 2.89 -9.78
N VAL B 28 -0.45 1.72 -9.60
CA VAL B 28 -1.13 0.48 -9.92
C VAL B 28 -1.49 -0.28 -8.64
N SER B 29 -2.75 -0.70 -8.52
CA SER B 29 -3.17 -1.41 -7.32
C SER B 29 -4.15 -2.54 -7.65
N GLY B 30 -4.51 -3.32 -6.63
CA GLY B 30 -5.50 -4.40 -6.77
C GLY B 30 -5.13 -5.56 -7.71
N PHE B 31 -3.84 -5.86 -7.83
CA PHE B 31 -3.43 -6.88 -8.78
C PHE B 31 -2.76 -8.10 -8.17
N HIS B 32 -2.81 -9.20 -8.93
CA HIS B 32 -2.23 -10.46 -8.52
C HIS B 32 -2.13 -11.33 -9.77
N PRO B 33 -0.96 -11.98 -9.98
CA PRO B 33 0.23 -11.97 -9.16
C PRO B 33 0.96 -10.64 -9.28
N SER B 34 2.11 -10.54 -8.64
CA SER B 34 2.79 -9.27 -8.47
C SER B 34 3.70 -8.89 -9.61
N ASP B 35 4.13 -9.87 -10.40
CA ASP B 35 4.96 -9.54 -11.57
C ASP B 35 4.15 -8.62 -12.49
N ILE B 36 4.73 -7.48 -12.82
CA ILE B 36 4.02 -6.49 -13.59
C ILE B 36 5.04 -5.59 -14.28
N GLU B 37 4.70 -5.07 -15.46
CA GLU B 37 5.55 -4.12 -16.18
C GLU B 37 4.82 -2.79 -16.21
N VAL B 38 5.51 -1.72 -15.90
CA VAL B 38 4.86 -0.42 -15.82
C VAL B 38 5.83 0.60 -16.34
N ASP B 39 5.43 1.32 -17.40
CA ASP B 39 6.28 2.37 -17.97
C ASP B 39 5.53 3.69 -18.04
N LEU B 40 6.27 4.78 -17.92
CA LEU B 40 5.74 6.11 -18.15
C LEU B 40 6.19 6.59 -19.54
N LEU B 41 5.25 7.12 -20.31
CA LEU B 41 5.55 7.51 -21.69
C LEU B 41 5.47 9.02 -21.87
N LYS B 42 6.39 9.53 -22.69
CA LYS B 42 6.34 10.90 -23.15
C LYS B 42 6.21 10.85 -24.66
N ASN B 43 5.06 11.27 -25.17
CA ASN B 43 4.82 11.25 -26.62
C ASN B 43 5.08 9.85 -27.18
N GLY B 44 4.62 8.85 -26.43
CA GLY B 44 4.74 7.45 -26.83
C GLY B 44 6.07 6.78 -26.56
N GLU B 45 7.11 7.55 -26.23
CA GLU B 45 8.41 6.94 -25.92
C GLU B 45 8.57 6.69 -24.42
N ARG B 46 9.07 5.50 -24.10
CA ARG B 46 9.38 5.11 -22.73
C ARG B 46 10.30 6.14 -22.07
N ILE B 47 9.92 6.62 -20.89
CA ILE B 47 10.82 7.48 -20.12
C ILE B 47 11.76 6.59 -19.33
N GLU B 48 13.04 6.91 -19.36
CA GLU B 48 14.04 6.11 -18.71
C GLU B 48 14.28 6.62 -17.31
N LYS B 49 14.65 5.72 -16.42
CA LYS B 49 14.98 6.13 -15.07
C LYS B 49 13.75 6.61 -14.32
N VAL B 50 12.62 6.01 -14.65
CA VAL B 50 11.42 6.09 -13.81
C VAL B 50 11.74 5.24 -12.58
N GLU B 51 11.37 5.72 -11.40
CA GLU B 51 11.52 4.91 -10.17
C GLU B 51 10.18 4.39 -9.69
N HIS B 52 10.20 3.53 -8.67
CA HIS B 52 8.99 2.97 -8.12
C HIS B 52 9.13 2.56 -6.66
N SER B 53 8.00 2.50 -5.97
CA SER B 53 7.96 2.14 -4.56
C SER B 53 8.31 0.67 -4.41
N ASP B 54 8.54 0.23 -3.18
CA ASP B 54 8.77 -1.19 -2.95
C ASP B 54 7.41 -1.85 -2.87
N LEU B 55 7.30 -3.00 -3.53
CA LEU B 55 6.10 -3.79 -3.53
C LEU B 55 5.48 -3.99 -2.14
N SER B 56 4.22 -3.62 -2.01
CA SER B 56 3.49 -3.91 -0.80
C SER B 56 2.06 -4.26 -1.19
N PHE B 57 1.22 -4.53 -0.19
CA PHE B 57 -0.13 -5.01 -0.50
C PHE B 57 -1.17 -4.56 0.52
N SER B 58 -2.42 -4.59 0.09
CA SER B 58 -3.55 -4.23 0.93
C SER B 58 -4.05 -5.41 1.75
N LYS B 59 -4.94 -5.10 2.69
CA LYS B 59 -5.58 -6.09 3.54
C LYS B 59 -6.17 -7.27 2.78
N ASP B 60 -6.58 -7.06 1.53
CA ASP B 60 -7.15 -8.16 0.74
C ASP B 60 -6.08 -8.93 -0.04
N TRP B 61 -4.81 -8.68 0.30
CA TRP B 61 -3.65 -9.31 -0.36
C TRP B 61 -3.35 -8.83 -1.79
N SER B 62 -4.04 -7.81 -2.27
N SER B 62 -4.05 -7.81 -2.28
CA SER B 62 -3.76 -7.28 -3.60
CA SER B 62 -3.76 -7.29 -3.61
C SER B 62 -2.58 -6.33 -3.51
C SER B 62 -2.60 -6.32 -3.52
N PHE B 63 -1.73 -6.34 -4.53
CA PHE B 63 -0.51 -5.58 -4.49
C PHE B 63 -0.74 -4.14 -4.91
N TYR B 64 0.26 -3.31 -4.64
CA TYR B 64 0.23 -1.96 -5.14
C TYR B 64 1.63 -1.43 -5.24
N LEU B 65 1.85 -0.60 -6.25
CA LEU B 65 3.14 0.01 -6.55
C LEU B 65 2.90 1.41 -7.06
N LEU B 66 3.85 2.30 -6.82
CA LEU B 66 3.80 3.61 -7.41
C LEU B 66 5.02 3.77 -8.27
N TYR B 67 4.80 4.10 -9.55
CA TYR B 67 5.85 4.47 -10.48
C TYR B 67 5.78 5.96 -10.71
N TYR B 68 6.94 6.60 -10.80
CA TYR B 68 6.99 8.04 -10.81
C TYR B 68 8.30 8.54 -11.39
N THR B 69 8.25 9.74 -11.97
CA THR B 69 9.42 10.41 -12.52
C THR B 69 9.18 11.92 -12.50
N GLU B 70 10.24 12.72 -12.42
CA GLU B 70 10.14 14.17 -12.57
C GLU B 70 9.84 14.47 -14.03
N PHE B 71 8.97 15.45 -14.27
CA PHE B 71 8.74 15.93 -15.61
C PHE B 71 8.28 17.37 -15.57
N THR B 72 8.21 17.98 -16.74
CA THR B 72 7.70 19.32 -16.86
C THR B 72 6.59 19.31 -17.88
N PRO B 73 5.35 19.52 -17.43
CA PRO B 73 4.28 19.64 -18.40
C PRO B 73 4.61 20.73 -19.42
N THR B 74 4.16 20.51 -20.66
CA THR B 74 4.09 21.57 -21.66
C THR B 74 2.67 21.51 -22.16
N GLU B 75 2.35 22.30 -23.19
CA GLU B 75 1.07 22.12 -23.89
C GLU B 75 1.23 21.12 -25.02
N LYS B 76 2.46 20.98 -25.49
CA LYS B 76 2.82 20.17 -26.68
C LYS B 76 3.10 18.68 -26.41
N ASP B 77 3.46 18.33 -25.18
CA ASP B 77 3.81 16.95 -24.86
C ASP B 77 2.61 16.16 -24.33
N GLU B 78 2.53 14.88 -24.70
CA GLU B 78 1.55 13.97 -24.12
C GLU B 78 2.26 12.96 -23.24
N TYR B 79 1.65 12.63 -22.11
CA TYR B 79 2.19 11.60 -21.25
C TYR B 79 1.15 10.52 -21.01
N ALA B 80 1.61 9.30 -20.77
CA ALA B 80 0.72 8.20 -20.46
C ALA B 80 1.46 7.21 -19.57
N CYS B 81 0.76 6.24 -18.99
N CYS B 81 0.72 6.23 -19.06
CA CYS B 81 1.48 5.10 -18.40
CA CYS B 81 1.30 5.08 -18.38
C CYS B 81 1.01 3.77 -18.98
C CYS B 81 1.06 3.83 -19.23
N ARG B 82 1.97 2.87 -19.15
CA ARG B 82 1.77 1.63 -19.86
C ARG B 82 1.98 0.47 -18.91
N VAL B 83 0.92 -0.29 -18.67
CA VAL B 83 1.02 -1.39 -17.76
C VAL B 83 0.81 -2.69 -18.51
N ASN B 84 1.75 -3.63 -18.36
CA ASN B 84 1.50 -5.01 -18.78
C ASN B 84 1.42 -5.96 -17.56
N HIS B 85 0.61 -7.00 -17.69
CA HIS B 85 0.36 -7.94 -16.60
C HIS B 85 -0.14 -9.21 -17.25
N VAL B 86 -0.01 -10.33 -16.56
CA VAL B 86 -0.51 -11.58 -17.11
C VAL B 86 -2.00 -11.50 -17.46
N THR B 87 -2.78 -10.74 -16.68
CA THR B 87 -4.22 -10.62 -16.95
C THR B 87 -4.57 -9.80 -18.21
N LEU B 88 -3.59 -9.18 -18.85
CA LEU B 88 -3.88 -8.28 -19.97
C LEU B 88 -3.44 -8.87 -21.29
N SER B 89 -4.33 -8.86 -22.28
N SER B 89 -4.33 -8.87 -22.28
CA SER B 89 -4.02 -9.45 -23.59
CA SER B 89 -4.00 -9.45 -23.59
C SER B 89 -2.92 -8.66 -24.29
C SER B 89 -2.89 -8.67 -24.26
N GLN B 90 -2.82 -7.37 -23.98
CA GLN B 90 -1.70 -6.55 -24.45
C GLN B 90 -1.55 -5.36 -23.51
N PRO B 91 -0.37 -4.73 -23.52
CA PRO B 91 -0.12 -3.59 -22.66
C PRO B 91 -1.29 -2.60 -22.67
N LYS B 92 -1.72 -2.23 -21.47
CA LYS B 92 -2.72 -1.20 -21.32
C LYS B 92 -2.04 0.17 -21.22
N ILE B 93 -2.49 1.11 -22.04
CA ILE B 93 -1.94 2.45 -22.01
C ILE B 93 -3.03 3.42 -21.56
N VAL B 94 -2.77 4.12 -20.46
CA VAL B 94 -3.70 5.14 -19.96
C VAL B 94 -3.11 6.53 -20.12
N LYS B 95 -3.83 7.40 -20.81
CA LYS B 95 -3.31 8.73 -21.07
C LYS B 95 -3.43 9.62 -19.83
N TRP B 96 -2.41 10.43 -19.56
CA TRP B 96 -2.51 11.43 -18.50
C TRP B 96 -3.38 12.61 -18.89
N ASP B 97 -4.50 12.77 -18.20
CA ASP B 97 -5.31 13.96 -18.30
C ASP B 97 -4.97 14.88 -17.12
N ARG B 98 -4.45 16.07 -17.41
CA ARG B 98 -4.04 16.98 -16.34
C ARG B 98 -5.25 17.42 -15.53
N ASP B 99 -5.09 17.62 -14.23
CA ASP B 99 -6.24 17.88 -13.37
C ASP B 99 -7.27 16.77 -13.69
N MET B 100 -6.79 15.53 -13.76
CA MET B 100 -7.57 14.42 -14.32
C MET B 100 -8.96 14.33 -13.68
N GLY C 1 11.08 -2.90 14.88
CA GLY C 1 12.00 -4.03 14.60
C GLY C 1 11.28 -5.33 14.34
N LEU C 2 11.90 -6.21 13.56
CA LEU C 2 11.29 -7.49 13.21
C LEU C 2 11.20 -8.47 14.40
N CYS C 3 10.28 -9.42 14.29
CA CYS C 3 10.12 -10.52 15.24
C CYS C 3 11.24 -11.53 15.01
N PRO C 4 11.90 -11.98 16.08
CA PRO C 4 13.02 -12.91 15.89
C PRO C 4 12.64 -14.38 15.63
N LEU C 5 11.35 -14.71 15.69
CA LEU C 5 10.85 -16.10 15.70
C LEU C 5 10.67 -16.74 14.33
N VAL C 6 9.77 -16.16 13.54
CA VAL C 6 9.19 -16.78 12.33
C VAL C 6 9.17 -18.33 12.26
N ALA C 7 8.08 -18.95 12.71
CA ALA C 7 7.86 -20.39 12.55
C ALA C 7 7.51 -20.74 11.11
N MET C 8 7.87 -21.95 10.70
CA MET C 8 7.60 -22.42 9.35
C MET C 8 6.25 -23.10 9.27
N LEU C 9 5.60 -22.98 8.11
CA LEU C 9 4.34 -23.69 7.88
C LEU C 9 4.57 -25.19 8.01
#